data_6IJW
#
_entry.id   6IJW
#
loop_
_entity.id
_entity.type
_entity.pdbx_description
1 polymer "DNA (5'-D(*CP*GP*CP*GP*AP*AP*TP*TP*CP*GP*CP*G)-3')"
2 non-polymer "2,2'-{(4-hydroxy-1,3-phenylene)di[(E)ethene-2,1-diyl]}bis(3-methyl-1,3-benzothiazol-3-ium)"
#
_entity_poly.entity_id   1
_entity_poly.type   'polydeoxyribonucleotide'
_entity_poly.pdbx_seq_one_letter_code
;(DC)(DG)(DC)(DG)(DA)(DA)(DT)(DT)(DC)(DG)(DC)(DG)
;
_entity_poly.pdbx_strand_id   A,B
#